data_1JYK
#
_entry.id   1JYK
#
_cell.length_a   42.62
_cell.length_b   63.59
_cell.length_c   122.38
_cell.angle_alpha   90
_cell.angle_beta   90
_cell.angle_gamma   90
#
_symmetry.space_group_name_H-M   'P 21 21 21'
#
loop_
_entity.id
_entity.type
_entity.pdbx_description
1 polymer 'CTP:phosphocholine Cytidylyltransferase'
2 water water
#
_entity_poly.entity_id   1
_entity_poly.type   'polypeptide(L)'
_entity_poly.pdbx_seq_one_letter_code
;MGSSHHHHHHSSGLVPRGSHMKEIRVKAIILAAGLGTRLRPLTENTPKALVQVNQKPLIEYQIEFLKEKGINDIIIIVGY
LKEQFDYLKEKYGVRLVFNDKYADYNNFYSLYLVKEELANSYVIDADNYLFKN(MSE)FRNDLTRSTYFSVYREDCTNEW
FLVYGDDYKVQDIIVDSKAGRILSGVSFWDAPTAEKIVSFIDKAYVSGEFVDLYWDN(MSE)VKDNIKELDVYVEELEGN
SIYEIDSVQDYRKLEEILKNEN
;
_entity_poly.pdbx_strand_id   A
#
# COMPACT_ATOMS: atom_id res chain seq x y z
N GLU A 23 -0.09 -0.97 20.29
CA GLU A 23 1.28 -0.55 19.85
C GLU A 23 1.28 0.91 19.44
N ILE A 24 1.20 1.80 20.40
CA ILE A 24 1.18 3.22 20.09
C ILE A 24 2.55 3.70 19.69
N ARG A 25 2.90 3.25 18.50
CA ARG A 25 4.11 3.60 17.82
C ARG A 25 3.52 3.53 16.43
N VAL A 26 3.23 4.68 15.86
CA VAL A 26 2.69 4.70 14.51
C VAL A 26 3.87 4.39 13.60
N LYS A 27 3.68 3.41 12.71
CA LYS A 27 4.75 3.03 11.80
C LYS A 27 4.20 2.94 10.39
N ALA A 28 5.02 2.45 9.48
CA ALA A 28 4.59 2.30 8.09
C ALA A 28 5.20 1.06 7.46
N ILE A 29 4.38 0.39 6.65
CA ILE A 29 4.80 -0.80 5.93
C ILE A 29 4.65 -0.45 4.45
N ILE A 30 5.72 -0.59 3.69
CA ILE A 30 5.69 -0.29 2.26
C ILE A 30 5.83 -1.59 1.48
N LEU A 31 4.85 -1.86 0.63
CA LEU A 31 4.85 -3.07 -0.18
C LEU A 31 5.62 -2.84 -1.47
N ALA A 32 6.85 -3.37 -1.53
CA ALA A 32 7.69 -3.20 -2.71
C ALA A 32 8.38 -4.49 -3.18
N ALA A 33 7.75 -5.65 -2.97
CA ALA A 33 8.37 -6.91 -3.36
C ALA A 33 8.01 -7.45 -4.76
N GLY A 34 6.86 -7.05 -5.28
CA GLY A 34 6.39 -7.54 -6.57
C GLY A 34 7.21 -7.30 -7.83
N LEU A 35 6.89 -8.04 -8.88
CA LEU A 35 7.57 -7.94 -10.16
C LEU A 35 7.24 -6.69 -10.98
N GLY A 36 6.06 -6.10 -10.76
CA GLY A 36 5.69 -4.90 -11.50
C GLY A 36 5.72 -5.12 -13.01
N THR A 37 5.38 -6.33 -13.43
CA THR A 37 5.35 -6.71 -14.84
C THR A 37 4.60 -5.73 -15.74
N ARG A 38 3.47 -5.23 -15.26
CA ARG A 38 2.65 -4.29 -16.03
C ARG A 38 3.37 -2.97 -16.35
N LEU A 39 4.46 -2.69 -15.64
CA LEU A 39 5.18 -1.44 -15.86
C LEU A 39 6.30 -1.58 -16.88
N ARG A 40 6.41 -2.75 -17.51
CA ARG A 40 7.44 -2.97 -18.52
C ARG A 40 7.46 -1.82 -19.53
N PRO A 41 8.65 -1.41 -19.99
CA PRO A 41 10.01 -1.87 -19.71
C PRO A 41 10.68 -1.31 -18.44
N LEU A 42 9.96 -0.49 -17.69
CA LEU A 42 10.52 0.14 -16.49
C LEU A 42 11.04 -0.83 -15.43
N THR A 43 10.42 -1.99 -15.35
CA THR A 43 10.78 -2.96 -14.32
C THR A 43 11.61 -4.15 -14.78
N GLU A 44 12.19 -4.04 -15.97
CA GLU A 44 13.00 -5.14 -16.47
C GLU A 44 14.26 -5.32 -15.62
N ASN A 45 14.88 -4.22 -15.21
CA ASN A 45 16.09 -4.27 -14.39
C ASN A 45 15.99 -3.38 -13.17
N THR A 46 14.81 -2.84 -12.92
CA THR A 46 14.61 -1.97 -11.77
C THR A 46 13.33 -2.32 -11.06
N PRO A 47 13.37 -2.50 -9.74
CA PRO A 47 12.13 -2.82 -9.03
C PRO A 47 11.22 -1.59 -9.15
N LYS A 48 9.91 -1.79 -9.23
CA LYS A 48 9.03 -0.65 -9.40
C LYS A 48 9.12 0.42 -8.33
N ALA A 49 9.45 0.04 -7.09
CA ALA A 49 9.56 1.01 -6.01
C ALA A 49 10.76 1.94 -6.22
N LEU A 50 11.69 1.50 -7.05
CA LEU A 50 12.90 2.29 -7.31
C LEU A 50 12.93 2.96 -8.69
N VAL A 51 11.82 2.89 -9.42
CA VAL A 51 11.73 3.55 -10.71
C VAL A 51 11.82 5.04 -10.37
N GLN A 52 12.60 5.79 -11.13
CA GLN A 52 12.76 7.21 -10.84
C GLN A 52 11.84 8.16 -11.59
N VAL A 53 11.22 9.07 -10.85
CA VAL A 53 10.35 10.08 -11.44
C VAL A 53 11.00 11.38 -11.01
N ASN A 54 11.20 12.28 -11.97
CA ASN A 54 11.86 13.54 -11.68
C ASN A 54 13.22 13.22 -11.04
N GLN A 55 13.88 12.21 -11.59
CA GLN A 55 15.20 11.77 -11.15
C GLN A 55 15.33 11.32 -9.70
N LYS A 56 14.26 10.78 -9.13
CA LYS A 56 14.29 10.30 -7.75
C LYS A 56 13.43 9.05 -7.60
N PRO A 57 13.98 7.97 -7.01
CA PRO A 57 13.20 6.74 -6.84
C PRO A 57 11.87 7.01 -6.15
N LEU A 58 10.79 6.43 -6.68
CA LEU A 58 9.45 6.63 -6.14
C LEU A 58 9.35 6.46 -4.63
N ILE A 59 9.92 5.38 -4.11
CA ILE A 59 9.83 5.11 -2.68
C ILE A 59 10.46 6.20 -1.79
N GLU A 60 11.46 6.91 -2.32
CA GLU A 60 12.09 7.96 -1.53
C GLU A 60 11.12 9.11 -1.24
N TYR A 61 10.26 9.43 -2.18
CA TYR A 61 9.27 10.49 -1.95
C TYR A 61 8.38 10.09 -0.79
N GLN A 62 7.99 8.82 -0.75
CA GLN A 62 7.12 8.31 0.31
C GLN A 62 7.82 8.29 1.66
N ILE A 63 9.03 7.74 1.70
CA ILE A 63 9.81 7.66 2.93
C ILE A 63 10.04 9.06 3.54
N GLU A 64 10.35 10.03 2.70
CA GLU A 64 10.60 11.39 3.17
C GLU A 64 9.32 12.04 3.73
N PHE A 65 8.18 11.77 3.09
CA PHE A 65 6.91 12.31 3.56
C PHE A 65 6.65 11.77 4.95
N LEU A 66 6.90 10.47 5.12
CA LEU A 66 6.69 9.80 6.40
C LEU A 66 7.56 10.36 7.52
N LYS A 67 8.86 10.46 7.26
CA LYS A 67 9.79 10.96 8.27
C LYS A 67 9.53 12.43 8.59
N GLU A 68 9.04 13.19 7.60
CA GLU A 68 8.74 14.59 7.83
C GLU A 68 7.65 14.70 8.89
N LYS A 69 6.85 13.63 9.00
CA LYS A 69 5.75 13.58 9.96
C LYS A 69 6.08 12.82 11.23
N GLY A 70 7.34 12.41 11.37
CA GLY A 70 7.72 11.69 12.56
C GLY A 70 7.47 10.19 12.55
N ILE A 71 7.06 9.65 11.40
CA ILE A 71 6.83 8.22 11.31
C ILE A 71 8.14 7.64 10.81
N ASN A 72 9.02 7.37 11.75
CA ASN A 72 10.36 6.86 11.45
C ASN A 72 10.58 5.37 11.54
N ASP A 73 9.54 4.63 11.95
CA ASP A 73 9.64 3.18 12.03
C ASP A 73 9.03 2.72 10.72
N ILE A 74 9.89 2.54 9.73
CA ILE A 74 9.48 2.13 8.40
C ILE A 74 10.03 0.76 7.99
N ILE A 75 9.12 -0.12 7.59
CA ILE A 75 9.45 -1.46 7.16
C ILE A 75 9.10 -1.61 5.68
N ILE A 76 10.06 -2.06 4.88
CA ILE A 76 9.83 -2.24 3.47
C ILE A 76 9.90 -3.71 3.09
N ILE A 77 8.84 -4.22 2.47
CA ILE A 77 8.81 -5.61 2.03
C ILE A 77 9.48 -5.64 0.66
N VAL A 78 10.59 -6.35 0.55
CA VAL A 78 11.32 -6.46 -0.71
C VAL A 78 11.35 -7.89 -1.21
N GLY A 79 11.61 -8.05 -2.51
CA GLY A 79 11.68 -9.38 -3.09
C GLY A 79 12.42 -9.32 -4.41
N TYR A 80 11.72 -8.88 -5.46
CA TYR A 80 12.28 -8.75 -6.79
C TYR A 80 13.40 -7.69 -6.77
N LEU A 81 14.60 -8.09 -7.21
CA LEU A 81 15.77 -7.19 -7.23
C LEU A 81 16.00 -6.46 -5.90
N LYS A 82 15.78 -7.18 -4.80
CA LYS A 82 15.91 -6.62 -3.46
C LYS A 82 17.24 -5.95 -3.12
N GLU A 83 18.32 -6.41 -3.75
CA GLU A 83 19.64 -5.83 -3.45
C GLU A 83 19.74 -4.34 -3.79
N GLN A 84 18.82 -3.85 -4.63
CA GLN A 84 18.86 -2.44 -4.99
C GLN A 84 18.32 -1.56 -3.87
N PHE A 85 17.64 -2.19 -2.89
CA PHE A 85 17.06 -1.47 -1.74
C PHE A 85 18.02 -1.29 -0.56
N ASP A 86 19.11 -2.05 -0.54
CA ASP A 86 20.05 -2.00 0.57
C ASP A 86 20.48 -0.62 1.05
N TYR A 87 20.84 0.26 0.12
CA TYR A 87 21.28 1.61 0.47
C TYR A 87 20.29 2.41 1.34
N LEU A 88 19.02 2.04 1.30
CA LEU A 88 17.99 2.74 2.07
C LEU A 88 18.12 2.56 3.57
N LYS A 89 18.77 1.50 4.01
CA LYS A 89 18.92 1.27 5.44
C LYS A 89 19.76 2.37 6.09
N GLU A 90 20.91 2.71 5.49
CA GLU A 90 21.73 3.76 6.07
C GLU A 90 21.25 5.15 5.63
N LYS A 91 20.53 5.22 4.52
CA LYS A 91 20.04 6.51 4.07
C LYS A 91 18.85 7.02 4.87
N TYR A 92 17.98 6.11 5.29
CA TYR A 92 16.78 6.50 6.04
C TYR A 92 16.51 5.76 7.35
N GLY A 93 17.24 4.69 7.59
CA GLY A 93 17.03 3.94 8.81
C GLY A 93 15.86 2.97 8.70
N VAL A 94 15.48 2.64 7.48
CA VAL A 94 14.37 1.70 7.26
C VAL A 94 14.79 0.26 7.50
N ARG A 95 13.81 -0.61 7.70
CA ARG A 95 14.09 -2.03 7.89
C ARG A 95 13.60 -2.73 6.63
N LEU A 96 14.37 -3.69 6.13
CA LEU A 96 13.98 -4.41 4.93
C LEU A 96 13.59 -5.84 5.31
N VAL A 97 12.47 -6.31 4.77
CA VAL A 97 12.01 -7.68 5.04
C VAL A 97 11.85 -8.41 3.71
N PHE A 98 12.63 -9.46 3.54
CA PHE A 98 12.63 -10.25 2.31
C PHE A 98 11.47 -11.22 2.18
N ASN A 99 10.75 -11.11 1.07
CA ASN A 99 9.62 -11.99 0.78
C ASN A 99 10.06 -12.86 -0.40
N ASP A 100 10.50 -14.08 -0.12
CA ASP A 100 10.96 -14.96 -1.17
C ASP A 100 9.85 -15.55 -2.04
N LYS A 101 8.60 -15.34 -1.64
CA LYS A 101 7.48 -15.85 -2.43
C LYS A 101 6.89 -14.72 -3.26
N TYR A 102 7.62 -13.62 -3.38
CA TYR A 102 7.14 -12.47 -4.13
C TYR A 102 6.66 -12.82 -5.53
N ALA A 103 7.21 -13.87 -6.09
CA ALA A 103 6.83 -14.29 -7.43
C ALA A 103 5.82 -15.43 -7.43
N ASP A 104 5.72 -16.14 -6.30
CA ASP A 104 4.81 -17.27 -6.18
C ASP A 104 3.43 -16.94 -5.63
N TYR A 105 3.40 -16.23 -4.50
CA TYR A 105 2.16 -15.85 -3.85
C TYR A 105 1.77 -14.39 -4.12
N ASN A 106 0.50 -14.08 -3.90
CA ASN A 106 -0.01 -12.73 -4.07
C ASN A 106 0.48 -11.95 -2.84
N ASN A 107 0.25 -10.65 -2.80
CA ASN A 107 0.76 -9.84 -1.69
C ASN A 107 0.18 -10.06 -0.29
N PHE A 108 -0.72 -11.04 -0.14
CA PHE A 108 -1.27 -11.36 1.18
C PHE A 108 -0.05 -11.79 2.02
N TYR A 109 0.83 -12.54 1.37
CA TYR A 109 2.02 -13.06 2.04
C TYR A 109 3.02 -11.96 2.43
N SER A 110 3.06 -10.88 1.67
CA SER A 110 3.95 -9.78 2.01
C SER A 110 3.54 -9.23 3.36
N LEU A 111 2.23 -9.07 3.55
CA LEU A 111 1.73 -8.56 4.82
C LEU A 111 1.86 -9.65 5.90
N TYR A 112 1.70 -10.91 5.51
CA TYR A 112 1.82 -12.02 6.47
C TYR A 112 3.16 -11.95 7.20
N LEU A 113 4.23 -11.72 6.44
CA LEU A 113 5.59 -11.65 6.98
C LEU A 113 5.77 -10.60 8.07
N VAL A 114 4.92 -9.57 8.09
CA VAL A 114 5.03 -8.53 9.12
C VAL A 114 3.70 -8.32 9.83
N LYS A 115 2.87 -9.37 9.86
CA LYS A 115 1.55 -9.27 10.47
C LYS A 115 1.53 -8.70 11.87
N GLU A 116 2.53 -9.04 12.67
CA GLU A 116 2.55 -8.55 14.05
C GLU A 116 2.91 -7.06 14.14
N GLU A 117 3.24 -6.46 13.00
CA GLU A 117 3.59 -5.05 12.95
C GLU A 117 2.44 -4.20 12.43
N LEU A 118 1.34 -4.86 12.07
CA LEU A 118 0.18 -4.16 11.52
C LEU A 118 -0.44 -3.09 12.41
N ALA A 119 -0.52 -3.37 13.71
CA ALA A 119 -1.14 -2.43 14.65
C ALA A 119 -0.56 -1.02 14.59
N ASN A 120 -1.45 -0.05 14.39
CA ASN A 120 -1.07 1.36 14.30
C ASN A 120 -0.06 1.61 13.21
N SER A 121 -0.26 0.94 12.08
CA SER A 121 0.64 1.08 10.95
C SER A 121 -0.06 1.47 9.65
N TYR A 122 0.67 2.21 8.82
CA TYR A 122 0.18 2.59 7.50
C TYR A 122 0.65 1.46 6.61
N VAL A 123 -0.11 1.17 5.56
CA VAL A 123 0.28 0.16 4.59
C VAL A 123 0.28 0.98 3.31
N ILE A 124 1.41 1.00 2.62
CA ILE A 124 1.56 1.80 1.43
C ILE A 124 2.05 1.03 0.21
N ASP A 125 1.40 1.26 -0.93
CA ASP A 125 1.80 0.62 -2.18
C ASP A 125 2.96 1.46 -2.69
N ALA A 126 4.03 0.81 -3.13
CA ALA A 126 5.21 1.53 -3.61
C ALA A 126 5.16 2.07 -5.03
N ASP A 127 4.12 1.73 -5.79
CA ASP A 127 4.02 2.22 -7.17
C ASP A 127 3.10 3.42 -7.37
N ASN A 128 3.01 4.27 -6.37
CA ASN A 128 2.17 5.47 -6.45
C ASN A 128 3.05 6.68 -6.16
N TYR A 129 2.74 7.79 -6.81
CA TYR A 129 3.45 9.02 -6.55
C TYR A 129 2.48 9.88 -5.74
N LEU A 130 2.91 10.32 -4.57
CA LEU A 130 2.05 11.13 -3.72
C LEU A 130 2.29 12.63 -3.91
N PHE A 131 1.29 13.32 -4.45
CA PHE A 131 1.40 14.76 -4.67
C PHE A 131 1.21 15.54 -3.38
N LYS A 132 0.55 14.94 -2.40
CA LYS A 132 0.31 15.60 -1.12
C LYS A 132 0.65 14.68 0.04
N ASN A 133 1.14 15.27 1.14
CA ASN A 133 1.49 14.52 2.34
C ASN A 133 0.31 14.40 3.32
N PHE A 135 0.03 11.65 5.33
CA PHE A 135 0.42 11.00 6.56
C PHE A 135 0.37 11.86 7.81
N ARG A 136 -0.14 11.26 8.88
CA ARG A 136 -0.20 11.94 10.17
C ARG A 136 0.02 10.92 11.27
N ASN A 137 0.57 11.38 12.39
CA ASN A 137 0.82 10.48 13.51
C ASN A 137 -0.23 10.56 14.62
N ASP A 138 -1.39 11.15 14.31
CA ASP A 138 -2.46 11.27 15.30
C ASP A 138 -3.77 10.59 14.91
N LEU A 139 -3.73 9.70 13.92
CA LEU A 139 -4.93 8.98 13.48
C LEU A 139 -5.36 8.03 14.60
N THR A 140 -6.65 7.98 14.88
CA THR A 140 -7.15 7.12 15.94
C THR A 140 -8.07 6.00 15.48
N ARG A 141 -8.22 5.84 14.17
CA ARG A 141 -9.07 4.78 13.65
C ARG A 141 -8.57 4.32 12.30
N SER A 142 -8.87 3.07 11.96
CA SER A 142 -8.46 2.49 10.68
C SER A 142 -9.05 3.35 9.56
N THR A 143 -8.19 3.70 8.60
CA THR A 143 -8.61 4.58 7.52
C THR A 143 -8.08 4.20 6.14
N TYR A 144 -8.92 4.40 5.14
CA TYR A 144 -8.56 4.17 3.75
C TYR A 144 -8.49 5.58 3.17
N PHE A 145 -7.33 5.98 2.66
CA PHE A 145 -7.22 7.29 2.03
C PHE A 145 -7.57 7.00 0.58
N SER A 146 -8.76 7.45 0.16
CA SER A 146 -9.29 7.16 -1.16
C SER A 146 -9.51 8.29 -2.16
N VAL A 147 -9.07 8.07 -3.40
CA VAL A 147 -9.26 9.05 -4.46
C VAL A 147 -10.39 8.50 -5.34
N TYR A 148 -11.11 9.39 -6.01
CA TYR A 148 -12.18 8.98 -6.90
C TYR A 148 -11.60 8.73 -8.30
N ARG A 149 -12.03 7.64 -8.94
CA ARG A 149 -11.54 7.30 -10.27
C ARG A 149 -12.67 6.84 -11.18
N GLU A 150 -12.49 7.06 -12.48
CA GLU A 150 -13.45 6.64 -13.50
C GLU A 150 -12.74 5.75 -14.51
N ASP A 151 -13.52 5.08 -15.38
CA ASP A 151 -12.94 4.19 -16.38
C ASP A 151 -11.99 3.23 -15.68
N CYS A 152 -12.42 2.76 -14.52
CA CYS A 152 -11.62 1.85 -13.71
C CYS A 152 -11.48 0.47 -14.32
N THR A 153 -10.45 -0.23 -13.88
CA THR A 153 -10.19 -1.58 -14.34
C THR A 153 -9.58 -2.36 -13.20
N ASN A 154 -10.29 -3.39 -12.75
CA ASN A 154 -9.80 -4.24 -11.68
C ASN A 154 -9.57 -3.54 -10.34
N GLU A 155 -10.19 -2.40 -10.12
CA GLU A 155 -10.02 -1.71 -8.84
C GLU A 155 -11.08 -2.22 -7.88
N TRP A 156 -10.91 -1.91 -6.60
CA TRP A 156 -11.88 -2.31 -5.59
C TRP A 156 -12.45 -0.99 -5.05
N PHE A 157 -13.74 -0.98 -4.77
CA PHE A 157 -14.38 0.24 -4.30
C PHE A 157 -14.91 0.21 -2.88
N LEU A 158 -14.99 1.41 -2.29
CA LEU A 158 -15.46 1.57 -0.92
C LEU A 158 -16.93 1.97 -0.86
N VAL A 159 -17.72 1.21 -0.11
CA VAL A 159 -19.14 1.50 0.05
C VAL A 159 -19.32 2.16 1.42
N TYR A 160 -19.81 3.40 1.45
CA TYR A 160 -19.99 4.08 2.71
C TYR A 160 -21.06 5.16 2.71
N GLY A 161 -21.48 5.55 3.92
CA GLY A 161 -22.50 6.57 4.07
C GLY A 161 -21.99 7.87 4.68
N ASP A 162 -22.88 8.56 5.40
CA ASP A 162 -22.59 9.84 6.01
C ASP A 162 -21.51 9.85 7.09
N ASP A 163 -21.30 8.71 7.74
CA ASP A 163 -20.31 8.63 8.81
C ASP A 163 -18.96 8.17 8.25
N TYR A 164 -18.88 8.02 6.93
CA TYR A 164 -17.65 7.58 6.27
C TYR A 164 -17.17 6.20 6.68
N LYS A 165 -18.03 5.41 7.34
CA LYS A 165 -17.66 4.07 7.76
C LYS A 165 -17.87 3.08 6.60
N VAL A 166 -16.84 2.27 6.34
CA VAL A 166 -16.90 1.29 5.26
C VAL A 166 -17.90 0.18 5.58
N GLN A 167 -18.92 0.08 4.73
CA GLN A 167 -19.96 -0.93 4.90
C GLN A 167 -19.63 -2.17 4.09
N ASP A 168 -18.90 -1.97 3.01
CA ASP A 168 -18.51 -3.08 2.14
C ASP A 168 -17.41 -2.60 1.19
N ILE A 169 -16.75 -3.56 0.56
CA ILE A 169 -15.72 -3.26 -0.43
C ILE A 169 -16.12 -4.14 -1.60
N ILE A 170 -16.33 -3.52 -2.75
CA ILE A 170 -16.78 -4.27 -3.91
C ILE A 170 -15.88 -4.10 -5.13
N VAL A 171 -16.12 -4.94 -6.13
CA VAL A 171 -15.34 -4.89 -7.37
C VAL A 171 -16.21 -4.52 -8.57
N ASP A 172 -17.53 -4.59 -8.40
CA ASP A 172 -18.47 -4.31 -9.49
C ASP A 172 -18.73 -2.84 -9.81
N SER A 173 -17.75 -2.16 -10.38
CA SER A 173 -17.92 -0.77 -10.79
C SER A 173 -16.77 -0.30 -11.66
N LYS A 174 -17.04 0.70 -12.48
CA LYS A 174 -16.04 1.28 -13.36
C LYS A 174 -15.69 2.68 -12.86
N ALA A 175 -16.36 3.11 -11.80
CA ALA A 175 -16.12 4.44 -11.24
C ALA A 175 -16.48 4.47 -9.76
N GLY A 176 -15.75 5.29 -9.01
CA GLY A 176 -16.01 5.41 -7.58
C GLY A 176 -14.76 5.65 -6.75
N ARG A 177 -14.92 5.60 -5.43
CA ARG A 177 -13.83 5.77 -4.48
C ARG A 177 -13.14 4.42 -4.35
N ILE A 178 -11.90 4.35 -4.83
CA ILE A 178 -11.16 3.10 -4.82
C ILE A 178 -10.16 2.94 -3.68
N LEU A 179 -9.72 1.71 -3.47
CA LEU A 179 -8.68 1.42 -2.49
C LEU A 179 -7.51 2.00 -3.29
N SER A 180 -6.86 3.02 -2.75
CA SER A 180 -5.81 3.72 -3.48
C SER A 180 -4.34 3.46 -3.17
N GLY A 181 -4.06 2.58 -2.22
CA GLY A 181 -2.67 2.30 -1.92
C GLY A 181 -2.12 2.94 -0.66
N VAL A 182 -2.98 3.61 0.10
CA VAL A 182 -2.57 4.22 1.36
C VAL A 182 -3.71 3.97 2.34
N SER A 183 -3.39 3.31 3.45
CA SER A 183 -4.37 3.01 4.47
C SER A 183 -3.67 2.93 5.83
N PHE A 184 -4.43 3.12 6.91
CA PHE A 184 -3.89 3.06 8.26
C PHE A 184 -4.76 2.12 9.08
N TRP A 185 -4.14 1.35 9.98
CA TRP A 185 -4.87 0.39 10.78
C TRP A 185 -4.60 0.54 12.27
N ASP A 186 -5.65 0.68 13.06
CA ASP A 186 -5.50 0.81 14.50
C ASP A 186 -5.27 -0.58 15.11
N ALA A 187 -4.89 -0.60 16.39
CA ALA A 187 -4.60 -1.85 17.10
C ALA A 187 -5.77 -2.84 17.15
N PRO A 188 -6.95 -2.40 17.60
CA PRO A 188 -8.07 -3.34 17.65
C PRO A 188 -8.39 -3.97 16.30
N THR A 189 -8.33 -3.16 15.24
CA THR A 189 -8.62 -3.65 13.89
C THR A 189 -7.54 -4.60 13.40
N ALA A 190 -6.28 -4.23 13.62
CA ALA A 190 -5.14 -5.04 13.20
C ALA A 190 -5.18 -6.41 13.87
N GLU A 191 -5.61 -6.44 15.13
CA GLU A 191 -5.69 -7.69 15.88
C GLU A 191 -6.66 -8.64 15.18
N LYS A 192 -7.81 -8.11 14.77
CA LYS A 192 -8.80 -8.93 14.09
C LYS A 192 -8.25 -9.40 12.75
N ILE A 193 -7.61 -8.50 12.02
CA ILE A 193 -7.05 -8.85 10.73
C ILE A 193 -5.96 -9.93 10.84
N VAL A 194 -5.15 -9.89 11.89
CA VAL A 194 -4.09 -10.88 12.05
C VAL A 194 -4.71 -12.26 12.25
N SER A 195 -5.81 -12.32 12.99
CA SER A 195 -6.47 -13.59 13.22
C SER A 195 -7.01 -14.13 11.88
N PHE A 196 -7.51 -13.22 11.04
CA PHE A 196 -8.02 -13.62 9.73
C PHE A 196 -6.85 -14.08 8.86
N ILE A 197 -5.72 -13.42 9.02
CA ILE A 197 -4.51 -13.76 8.27
C ILE A 197 -4.03 -15.16 8.68
N ASP A 198 -3.95 -15.38 9.98
CA ASP A 198 -3.50 -16.68 10.50
C ASP A 198 -4.38 -17.77 9.92
N LYS A 199 -5.69 -17.59 10.04
CA LYS A 199 -6.65 -18.56 9.54
C LYS A 199 -6.51 -18.84 8.05
N ALA A 200 -6.36 -17.79 7.24
CA ALA A 200 -6.22 -17.98 5.80
C ALA A 200 -4.94 -18.72 5.44
N TYR A 201 -3.84 -18.35 6.10
CA TYR A 201 -2.54 -18.95 5.82
C TYR A 201 -2.51 -20.45 6.14
N VAL A 202 -3.27 -20.86 7.14
CA VAL A 202 -3.29 -22.27 7.53
C VAL A 202 -4.50 -23.08 7.07
N SER A 203 -5.29 -22.52 6.15
CA SER A 203 -6.48 -23.19 5.65
C SER A 203 -6.37 -23.49 4.17
N GLY A 204 -5.17 -23.32 3.62
CA GLY A 204 -4.94 -23.59 2.21
C GLY A 204 -5.75 -22.71 1.28
N GLU A 205 -6.03 -21.48 1.72
CA GLU A 205 -6.81 -20.53 0.93
C GLU A 205 -6.17 -19.15 1.02
N PHE A 206 -4.93 -19.02 0.56
CA PHE A 206 -4.24 -17.74 0.65
C PHE A 206 -3.29 -17.37 -0.49
N VAL A 207 -2.69 -18.37 -1.16
CA VAL A 207 -1.72 -18.11 -2.21
C VAL A 207 -2.08 -17.05 -3.25
N ASP A 208 -3.35 -16.96 -3.64
CA ASP A 208 -3.75 -16.00 -4.65
C ASP A 208 -4.38 -14.73 -4.08
N LEU A 209 -4.49 -14.65 -2.77
CA LEU A 209 -5.11 -13.50 -2.12
C LEU A 209 -4.25 -12.25 -2.02
N TYR A 210 -4.93 -11.11 -2.01
CA TYR A 210 -4.27 -9.83 -1.83
C TYR A 210 -4.45 -9.63 -0.33
N TRP A 211 -3.57 -8.85 0.30
CA TRP A 211 -3.74 -8.62 1.72
C TRP A 211 -5.10 -7.94 1.95
N ASP A 212 -5.56 -7.19 0.95
CA ASP A 212 -6.84 -6.49 1.05
C ASP A 212 -8.02 -7.43 1.23
N ASN A 213 -7.91 -8.64 0.69
CA ASN A 213 -9.00 -9.61 0.82
C ASN A 213 -9.33 -9.76 2.27
N VAL A 215 -9.76 -7.46 4.54
CA VAL A 215 -10.59 -6.44 5.07
C VAL A 215 -11.89 -6.68 4.29
N LYS A 216 -11.77 -6.85 2.97
CA LYS A 216 -12.93 -7.07 2.12
C LYS A 216 -13.78 -8.27 2.51
N ASP A 217 -13.12 -9.40 2.73
CA ASP A 217 -13.81 -10.65 3.07
C ASP A 217 -14.28 -10.77 4.52
N ASN A 218 -13.99 -9.77 5.35
CA ASN A 218 -14.39 -9.79 6.76
C ASN A 218 -14.87 -8.40 7.18
N ILE A 219 -15.21 -7.57 6.20
CA ILE A 219 -15.63 -6.20 6.46
C ILE A 219 -16.67 -6.03 7.56
N LYS A 220 -17.62 -6.95 7.65
CA LYS A 220 -18.68 -6.91 8.65
C LYS A 220 -18.15 -6.99 10.09
N GLU A 221 -16.91 -7.41 10.25
CA GLU A 221 -16.31 -7.52 11.58
C GLU A 221 -15.33 -6.39 11.89
N LEU A 222 -15.06 -5.53 10.92
CA LEU A 222 -14.11 -4.46 11.10
C LEU A 222 -14.69 -3.07 11.01
N ASP A 223 -14.07 -2.15 11.74
CA ASP A 223 -14.48 -0.74 11.74
C ASP A 223 -13.38 0.02 11.00
N VAL A 224 -13.68 0.41 9.76
CA VAL A 224 -12.73 1.15 8.93
C VAL A 224 -13.45 2.36 8.36
N TYR A 225 -12.73 3.46 8.23
CA TYR A 225 -13.32 4.67 7.72
C TYR A 225 -12.64 5.17 6.46
N VAL A 226 -13.33 6.06 5.75
CA VAL A 226 -12.81 6.60 4.52
C VAL A 226 -12.41 8.06 4.65
N GLU A 227 -11.21 8.38 4.17
CA GLU A 227 -10.71 9.74 4.16
C GLU A 227 -10.67 10.10 2.69
N GLU A 228 -11.65 10.90 2.25
CA GLU A 228 -11.75 11.29 0.86
C GLU A 228 -10.63 12.23 0.44
N LEU A 229 -9.82 11.78 -0.52
CA LEU A 229 -8.70 12.56 -1.02
C LEU A 229 -9.07 13.31 -2.28
N GLU A 230 -8.42 14.46 -2.49
CA GLU A 230 -8.65 15.25 -3.70
C GLU A 230 -8.07 14.41 -4.84
N GLY A 231 -8.74 14.44 -5.98
CA GLY A 231 -8.32 13.66 -7.13
C GLY A 231 -6.85 13.50 -7.46
N ASN A 232 -6.06 14.56 -7.33
CA ASN A 232 -4.64 14.50 -7.66
C ASN A 232 -3.70 14.26 -6.49
N SER A 233 -4.22 13.73 -5.39
CA SER A 233 -3.40 13.49 -4.20
C SER A 233 -2.46 12.32 -4.38
N ILE A 234 -2.98 11.25 -4.99
CA ILE A 234 -2.20 10.04 -5.26
C ILE A 234 -2.24 9.85 -6.77
N TYR A 235 -1.08 9.61 -7.36
CA TYR A 235 -1.02 9.40 -8.79
C TYR A 235 -0.56 7.97 -9.02
N GLU A 236 -1.45 7.14 -9.56
CA GLU A 236 -1.16 5.74 -9.82
C GLU A 236 -0.29 5.53 -11.04
N ILE A 237 0.72 4.70 -10.90
CA ILE A 237 1.59 4.37 -12.02
C ILE A 237 1.29 2.92 -12.34
N ASP A 238 0.35 2.70 -13.26
CA ASP A 238 -0.08 1.36 -13.63
C ASP A 238 0.50 0.89 -14.96
N SER A 239 1.19 1.78 -15.65
CA SER A 239 1.78 1.44 -16.94
C SER A 239 2.91 2.41 -17.23
N VAL A 240 3.76 2.10 -18.20
CA VAL A 240 4.86 3.01 -18.53
C VAL A 240 4.24 4.30 -19.09
N GLN A 241 3.02 4.19 -19.61
CA GLN A 241 2.32 5.34 -20.14
C GLN A 241 1.99 6.29 -18.99
N ASP A 242 1.54 5.73 -17.88
CA ASP A 242 1.21 6.53 -16.70
C ASP A 242 2.48 7.23 -16.27
N TYR A 243 3.58 6.48 -16.31
CA TYR A 243 4.89 6.98 -15.92
C TYR A 243 5.32 8.15 -16.80
N ARG A 244 5.17 7.99 -18.10
CA ARG A 244 5.56 9.04 -19.04
C ARG A 244 4.74 10.32 -18.82
N LYS A 245 3.44 10.16 -18.58
CA LYS A 245 2.58 11.31 -18.35
C LYS A 245 2.98 12.05 -17.08
N LEU A 246 3.28 11.31 -16.02
CA LEU A 246 3.68 11.91 -14.76
C LEU A 246 4.98 12.69 -14.91
N GLU A 247 5.91 12.13 -15.66
CA GLU A 247 7.20 12.78 -15.87
C GLU A 247 6.95 14.15 -16.50
N GLU A 248 6.04 14.18 -17.47
CA GLU A 248 5.70 15.42 -18.16
C GLU A 248 5.13 16.42 -17.17
N ILE A 249 4.27 15.92 -16.28
CA ILE A 249 3.66 16.77 -15.27
C ILE A 249 4.74 17.32 -14.34
N LEU A 250 5.59 16.44 -13.83
CA LEU A 250 6.63 16.87 -12.91
C LEU A 250 7.65 17.81 -13.59
N LYS A 251 7.69 17.79 -14.91
CA LYS A 251 8.58 18.66 -15.70
C LYS A 251 9.99 18.80 -15.14
#